data_5W2G
#
_entry.id   5W2G
#
_cell.length_a   78.466
_cell.length_b   78.466
_cell.length_c   85.650
_cell.angle_alpha   90.00
_cell.angle_beta   90.00
_cell.angle_gamma   90.00
#
_symmetry.space_group_name_H-M   'P 42 21 2'
#
loop_
_entity.id
_entity.type
_entity.pdbx_description
1 polymer 'Inositol polyphosphate multikinase,Inositol polyphosphate multikinase'
2 water water
#
_entity_poly.entity_id   1
_entity_poly.type   'polypeptide(L)'
_entity_poly.pdbx_seq_one_letter_code
;GSFTSHQVAGHMYGKILQHPDGTVLKQLQPPPRGPRELEFYNMVYAADCFDGVLLELRKYLPKYYGIWSPPTAPNDLYLK
LEDVTHKFNKPCIMDVKIGQKSYDPFASSEKIQQQVSKYPLMEEIGFLVLGMRVYHVHSDSYETENQHYGRSLTKETIKD
GVSRFFHNGYCLRKDAVAASIQKIEKILQWFENQKQLNFYASSLLFVYEGSSQGGSGGEVEVRMIDFAHVFPSNTIDEGY
VYGLKHLISVLRSILDN
;
_entity_poly.pdbx_strand_id   A
#
# COMPACT_ATOMS: atom_id res chain seq x y z
N PRO A 20 -3.44 -8.49 19.90
CA PRO A 20 -4.80 -8.30 20.44
C PRO A 20 -5.21 -6.84 20.74
N ASP A 21 -4.26 -6.01 21.19
CA ASP A 21 -4.54 -4.59 21.52
C ASP A 21 -4.85 -3.66 20.33
N GLY A 22 -4.91 -4.21 19.11
CA GLY A 22 -5.21 -3.44 17.90
C GLY A 22 -3.96 -2.93 17.19
N THR A 23 -2.79 -3.34 17.66
CA THR A 23 -1.53 -2.90 17.04
C THR A 23 -0.76 -4.09 16.46
N VAL A 24 0.26 -3.76 15.69
CA VAL A 24 1.20 -4.75 15.19
C VAL A 24 2.60 -4.20 15.37
N LEU A 25 3.54 -5.12 15.57
CA LEU A 25 4.95 -4.78 15.66
C LEU A 25 5.56 -5.22 14.35
N LYS A 26 6.13 -4.27 13.62
CA LYS A 26 6.88 -4.55 12.39
C LYS A 26 8.38 -4.43 12.66
N GLN A 27 9.12 -5.51 12.43
CA GLN A 27 10.57 -5.49 12.69
C GLN A 27 11.21 -4.58 11.65
N LEU A 28 12.13 -3.71 12.10
CA LEU A 28 12.90 -2.90 11.16
C LEU A 28 13.63 -3.82 10.20
N GLN A 29 13.58 -3.47 8.92
CA GLN A 29 14.37 -4.14 7.88
C GLN A 29 15.85 -3.85 8.12
N PRO A 30 16.76 -4.68 7.58
CA PRO A 30 18.19 -4.39 7.73
C PRO A 30 18.58 -3.00 7.21
N PRO A 31 19.68 -2.43 7.73
CA PRO A 31 20.09 -1.11 7.24
C PRO A 31 20.46 -1.18 5.76
N PRO A 32 20.24 -0.11 4.98
CA PRO A 32 19.71 1.18 5.40
C PRO A 32 18.16 1.28 5.42
N ARG A 33 17.45 0.24 4.99
CA ARG A 33 15.99 0.30 4.84
C ARG A 33 15.21 0.53 6.14
N GLY A 34 15.46 -0.29 7.16
CA GLY A 34 14.75 -0.11 8.45
C GLY A 34 14.94 1.25 9.09
N PRO A 35 16.20 1.71 9.24
CA PRO A 35 16.46 3.06 9.74
C PRO A 35 15.75 4.17 8.96
N ARG A 36 15.71 4.06 7.63
N ARG A 36 15.70 4.05 7.63
CA ARG A 36 14.98 5.02 6.80
CA ARG A 36 14.97 5.02 6.81
C ARG A 36 13.47 5.02 7.06
C ARG A 36 13.47 5.02 7.08
N GLU A 37 12.89 3.84 7.26
CA GLU A 37 11.45 3.73 7.57
C GLU A 37 11.13 4.30 8.95
N LEU A 38 11.97 4.00 9.93
CA LEU A 38 11.85 4.60 11.26
C LEU A 38 11.89 6.13 11.17
N GLU A 39 12.85 6.68 10.44
CA GLU A 39 12.96 8.13 10.32
C GLU A 39 11.76 8.76 9.62
N PHE A 40 11.22 8.07 8.60
CA PHE A 40 10.00 8.50 7.94
C PHE A 40 8.84 8.62 8.92
N TYR A 41 8.56 7.55 9.67
CA TYR A 41 7.48 7.61 10.68
C TYR A 41 7.77 8.70 11.72
N ASN A 42 9.02 8.79 12.18
CA ASN A 42 9.40 9.83 13.16
C ASN A 42 9.16 11.27 12.66
N MET A 43 9.46 11.50 11.38
N MET A 43 9.44 11.53 11.38
CA MET A 43 9.26 12.80 10.74
CA MET A 43 9.25 12.87 10.81
C MET A 43 7.77 13.14 10.64
C MET A 43 7.77 13.19 10.55
N VAL A 44 6.98 12.21 10.10
CA VAL A 44 5.56 12.45 9.85
C VAL A 44 4.77 12.64 11.17
N TYR A 45 5.11 11.86 12.19
CA TYR A 45 4.37 11.87 13.45
C TYR A 45 5.06 12.68 14.54
N ALA A 46 6.03 13.52 14.17
CA ALA A 46 6.69 14.41 15.13
C ALA A 46 5.65 15.29 15.83
N ALA A 47 5.65 15.27 17.16
CA ALA A 47 4.60 15.94 17.93
C ALA A 47 4.55 17.46 17.66
N ASP A 48 5.73 18.06 17.45
CA ASP A 48 5.85 19.49 17.11
C ASP A 48 5.76 19.83 15.60
N CYS A 49 5.35 18.86 14.76
CA CYS A 49 5.13 19.10 13.34
C CYS A 49 3.86 19.92 13.10
N PHE A 50 4.00 21.02 12.37
CA PHE A 50 2.85 21.81 11.90
C PHE A 50 2.86 22.03 10.38
N ASP A 51 3.64 21.23 9.66
CA ASP A 51 3.57 21.19 8.20
C ASP A 51 2.24 20.55 7.79
N GLY A 52 1.38 21.34 7.14
CA GLY A 52 0.07 20.87 6.67
C GLY A 52 0.11 19.64 5.78
N VAL A 53 1.14 19.54 4.94
CA VAL A 53 1.31 18.35 4.07
C VAL A 53 1.47 17.09 4.91
N LEU A 54 2.29 17.16 5.95
CA LEU A 54 2.56 15.99 6.78
C LEU A 54 1.40 15.65 7.71
N LEU A 55 0.72 16.69 8.24
CA LEU A 55 -0.49 16.48 9.04
C LEU A 55 -1.61 15.78 8.26
N GLU A 56 -1.85 16.18 7.01
N GLU A 56 -1.84 16.20 7.01
CA GLU A 56 -2.84 15.48 6.18
CA GLU A 56 -2.81 15.54 6.13
C GLU A 56 -2.39 14.06 5.85
C GLU A 56 -2.39 14.09 5.81
N LEU A 57 -1.10 13.87 5.59
CA LEU A 57 -0.57 12.53 5.29
C LEU A 57 -0.84 11.50 6.40
N ARG A 58 -0.82 11.93 7.66
CA ARG A 58 -1.15 11.06 8.80
C ARG A 58 -2.46 10.30 8.66
N LYS A 59 -3.45 10.93 8.03
CA LYS A 59 -4.76 10.31 7.84
C LYS A 59 -4.69 9.02 7.04
N TYR A 60 -3.71 8.92 6.15
CA TYR A 60 -3.58 7.81 5.19
C TYR A 60 -2.60 6.71 5.63
N LEU A 61 -1.87 6.95 6.72
N LEU A 61 -1.85 6.96 6.71
CA LEU A 61 -0.92 6.01 7.27
CA LEU A 61 -0.91 6.00 7.27
C LEU A 61 -1.53 5.25 8.45
C LEU A 61 -1.59 5.19 8.37
N PRO A 62 -0.98 4.07 8.78
CA PRO A 62 -1.33 3.46 10.08
C PRO A 62 -0.90 4.43 11.18
N LYS A 63 -1.68 4.52 12.24
CA LYS A 63 -1.26 5.27 13.42
C LYS A 63 0.06 4.67 13.91
N TYR A 64 0.95 5.55 14.36
CA TYR A 64 2.30 5.20 14.77
C TYR A 64 2.46 5.46 16.26
N TYR A 65 2.97 4.48 16.99
CA TYR A 65 3.12 4.54 18.45
C TYR A 65 4.59 4.53 18.86
N GLY A 66 5.48 4.79 17.90
CA GLY A 66 6.89 4.89 18.19
C GLY A 66 7.67 3.61 17.99
N ILE A 67 8.97 3.75 18.13
CA ILE A 67 9.88 2.62 18.18
C ILE A 67 9.53 1.77 19.40
N TRP A 68 9.70 0.45 19.25
CA TRP A 68 9.46 -0.48 20.33
C TRP A 68 10.55 -1.55 20.30
N SER A 69 10.92 -2.05 21.49
N SER A 69 10.92 -2.06 21.48
CA SER A 69 11.81 -3.20 21.63
CA SER A 69 11.84 -3.20 21.61
C SER A 69 11.33 -4.01 22.82
C SER A 69 11.48 -3.98 22.87
N PRO A 70 11.67 -5.32 22.85
CA PRO A 70 11.37 -6.11 24.06
C PRO A 70 12.14 -5.60 25.28
N PRO A 71 11.53 -5.64 26.49
CA PRO A 71 12.16 -5.10 27.70
C PRO A 71 13.57 -5.64 28.02
N THR A 72 13.80 -6.90 27.66
CA THR A 72 15.09 -7.56 27.85
C THR A 72 15.98 -7.57 26.59
N ALA A 73 15.56 -6.92 25.50
CA ALA A 73 16.29 -6.96 24.22
C ALA A 73 16.27 -5.62 23.44
N PRO A 74 16.98 -4.58 23.96
CA PRO A 74 17.06 -3.26 23.28
C PRO A 74 17.67 -3.29 21.86
N ASN A 75 18.45 -4.33 21.58
CA ASN A 75 18.91 -4.60 20.22
C ASN A 75 17.82 -4.90 19.18
N ASP A 76 16.66 -5.39 19.61
CA ASP A 76 15.64 -5.92 18.69
C ASP A 76 14.59 -4.83 18.39
N LEU A 77 14.71 -4.20 17.22
CA LEU A 77 13.95 -2.98 16.88
C LEU A 77 12.68 -3.21 16.04
N TYR A 78 11.56 -2.64 16.52
CA TYR A 78 10.27 -2.70 15.83
C TYR A 78 9.62 -1.34 15.76
N LEU A 79 8.72 -1.21 14.81
CA LEU A 79 7.79 -0.09 14.77
C LEU A 79 6.48 -0.65 15.30
N LYS A 80 5.87 0.09 16.23
CA LYS A 80 4.55 -0.25 16.75
C LYS A 80 3.55 0.54 15.93
N LEU A 81 2.70 -0.17 15.21
CA LEU A 81 1.76 0.42 14.27
C LEU A 81 0.33 -0.08 14.49
N GLU A 82 -0.63 0.78 14.19
CA GLU A 82 -2.03 0.40 14.06
C GLU A 82 -2.24 -0.80 13.13
N ASP A 83 -3.03 -1.77 13.58
CA ASP A 83 -3.49 -2.87 12.75
C ASP A 83 -4.84 -2.50 12.18
N VAL A 84 -4.83 -2.02 10.95
CA VAL A 84 -6.05 -1.50 10.31
C VAL A 84 -7.11 -2.57 9.97
N THR A 85 -6.77 -3.86 10.10
CA THR A 85 -7.71 -4.95 9.91
C THR A 85 -8.47 -5.29 11.20
N HIS A 86 -8.02 -4.77 12.33
CA HIS A 86 -8.56 -5.12 13.65
C HIS A 86 -10.06 -4.89 13.82
N LYS A 87 -10.59 -3.80 13.23
CA LYS A 87 -12.03 -3.49 13.31
C LYS A 87 -12.94 -4.39 12.45
N PHE A 88 -12.37 -5.24 11.60
CA PHE A 88 -13.14 -6.13 10.74
C PHE A 88 -13.34 -7.52 11.35
N ASN A 89 -14.46 -8.14 11.02
N ASN A 89 -14.46 -8.12 11.01
CA ASN A 89 -14.76 -9.51 11.45
CA ASN A 89 -14.81 -9.48 11.43
C ASN A 89 -14.04 -10.53 10.59
C ASN A 89 -14.08 -10.53 10.59
N LYS A 90 -14.25 -10.44 9.27
CA LYS A 90 -13.59 -11.31 8.30
C LYS A 90 -12.90 -10.41 7.27
N PRO A 91 -11.76 -9.82 7.64
CA PRO A 91 -11.13 -8.87 6.71
C PRO A 91 -10.64 -9.53 5.41
N CYS A 92 -11.00 -8.93 4.29
CA CYS A 92 -10.40 -9.22 2.99
C CYS A 92 -9.33 -8.17 2.75
N ILE A 93 -8.11 -8.61 2.51
CA ILE A 93 -6.93 -7.75 2.48
C ILE A 93 -6.21 -7.90 1.13
N MET A 94 -5.86 -6.77 0.52
CA MET A 94 -4.98 -6.76 -0.65
C MET A 94 -3.89 -5.69 -0.47
N ASP A 95 -2.66 -6.07 -0.79
CA ASP A 95 -1.50 -5.22 -0.73
C ASP A 95 -1.06 -4.92 -2.16
N VAL A 96 -1.00 -3.63 -2.53
CA VAL A 96 -0.63 -3.24 -3.91
C VAL A 96 0.54 -2.26 -3.88
N LYS A 97 1.66 -2.67 -4.49
CA LYS A 97 2.82 -1.80 -4.63
C LYS A 97 2.54 -0.79 -5.72
N ILE A 98 2.84 0.47 -5.44
CA ILE A 98 2.53 1.59 -6.33
C ILE A 98 3.77 2.27 -6.91
N GLY A 99 3.73 2.55 -8.21
CA GLY A 99 4.71 3.38 -8.88
C GLY A 99 5.23 2.74 -10.14
N GLN A 100 5.94 3.52 -10.93
CA GLN A 100 6.62 3.00 -12.14
C GLN A 100 7.98 2.35 -11.91
N LYS A 101 8.62 2.77 -10.82
CA LYS A 101 9.95 2.28 -10.42
C LYS A 101 9.92 1.77 -8.99
N SER A 102 10.35 0.53 -8.79
N SER A 102 10.35 0.53 -8.79
CA SER A 102 10.46 -0.05 -7.45
CA SER A 102 10.48 -0.08 -7.46
C SER A 102 11.82 0.25 -6.79
C SER A 102 11.91 0.00 -6.92
N TYR A 103 12.76 0.79 -7.57
CA TYR A 103 14.10 1.09 -7.09
C TYR A 103 14.17 2.57 -6.81
N ASP A 104 15.08 2.98 -5.94
CA ASP A 104 15.15 4.39 -5.53
C ASP A 104 16.21 5.18 -6.32
N PRO A 105 16.27 6.51 -6.14
CA PRO A 105 17.19 7.33 -6.93
C PRO A 105 18.68 7.04 -6.72
N PHE A 106 19.02 6.25 -5.69
CA PHE A 106 20.42 5.94 -5.37
C PHE A 106 20.80 4.47 -5.60
N ALA A 107 19.92 3.72 -6.26
CA ALA A 107 20.20 2.33 -6.60
C ALA A 107 21.34 2.22 -7.62
N SER A 108 22.20 1.21 -7.42
CA SER A 108 23.23 0.84 -8.39
C SER A 108 22.61 0.23 -9.64
N SER A 109 23.40 0.09 -10.69
CA SER A 109 22.97 -0.61 -11.91
C SER A 109 22.41 -2.01 -11.60
N GLU A 110 23.08 -2.71 -10.68
CA GLU A 110 22.73 -4.08 -10.27
C GLU A 110 21.38 -4.13 -9.56
N LYS A 111 21.16 -3.21 -8.62
CA LYS A 111 19.90 -3.14 -7.87
C LYS A 111 18.75 -2.74 -8.79
N ILE A 112 19.01 -1.82 -9.72
CA ILE A 112 18.00 -1.43 -10.70
C ILE A 112 17.55 -2.63 -11.51
N GLN A 113 18.52 -3.37 -12.02
CA GLN A 113 18.24 -4.60 -12.75
C GLN A 113 17.51 -5.62 -11.88
N GLN A 114 17.94 -5.78 -10.64
CA GLN A 114 17.25 -6.67 -9.69
C GLN A 114 15.78 -6.31 -9.53
N GLN A 115 15.52 -5.01 -9.32
CA GLN A 115 14.16 -4.54 -9.09
C GLN A 115 13.29 -4.64 -10.32
N VAL A 116 13.81 -4.25 -11.47
CA VAL A 116 13.05 -4.28 -12.72
C VAL A 116 12.77 -5.74 -13.13
N SER A 117 13.73 -6.64 -12.97
CA SER A 117 13.53 -8.08 -13.23
C SER A 117 12.48 -8.75 -12.33
N LYS A 118 12.25 -8.26 -11.12
CA LYS A 118 11.20 -8.81 -10.26
C LYS A 118 9.83 -8.65 -10.93
N TYR A 119 9.64 -7.55 -11.65
CA TYR A 119 8.38 -7.31 -12.38
C TYR A 119 8.63 -6.29 -13.47
N PRO A 120 9.01 -6.75 -14.66
CA PRO A 120 9.41 -5.80 -15.71
C PRO A 120 8.27 -4.97 -16.30
N LEU A 121 7.04 -5.28 -15.94
CA LEU A 121 5.87 -4.49 -16.32
C LEU A 121 5.53 -3.29 -15.42
N MET A 122 6.38 -3.03 -14.41
N MET A 122 6.38 -3.03 -14.41
CA MET A 122 6.11 -1.95 -13.45
CA MET A 122 6.11 -1.95 -13.46
C MET A 122 6.00 -0.58 -14.12
C MET A 122 5.98 -0.58 -14.13
N GLU A 123 6.85 -0.30 -15.09
CA GLU A 123 6.81 0.97 -15.82
C GLU A 123 5.51 1.14 -16.60
N GLU A 124 5.09 0.06 -17.26
CA GLU A 124 3.89 0.05 -18.06
C GLU A 124 2.60 0.13 -17.23
N ILE A 125 2.50 -0.68 -16.18
CA ILE A 125 1.24 -0.76 -15.41
C ILE A 125 1.19 0.24 -14.25
N GLY A 126 2.32 0.43 -13.57
CA GLY A 126 2.42 1.40 -12.46
C GLY A 126 1.95 0.88 -11.11
N PHE A 127 1.63 -0.41 -11.05
CA PHE A 127 1.34 -1.07 -9.80
C PHE A 127 1.52 -2.58 -9.93
N LEU A 128 1.64 -3.23 -8.79
CA LEU A 128 1.90 -4.64 -8.67
C LEU A 128 1.18 -5.18 -7.46
N VAL A 129 0.32 -6.17 -7.65
CA VAL A 129 -0.34 -6.82 -6.52
C VAL A 129 0.68 -7.71 -5.77
N LEU A 130 0.95 -7.37 -4.52
CA LEU A 130 1.90 -8.14 -3.71
C LEU A 130 1.26 -9.39 -3.11
N GLY A 131 -0.02 -9.29 -2.78
CA GLY A 131 -0.76 -10.42 -2.25
C GLY A 131 -2.20 -10.05 -1.95
N MET A 132 -3.01 -11.07 -1.71
CA MET A 132 -4.35 -10.87 -1.27
C MET A 132 -4.82 -12.06 -0.43
N ARG A 133 -5.73 -11.76 0.48
CA ARG A 133 -6.40 -12.76 1.30
C ARG A 133 -7.89 -12.43 1.23
N VAL A 134 -8.68 -13.33 0.66
CA VAL A 134 -10.10 -13.10 0.41
C VAL A 134 -10.94 -14.13 1.18
N TYR A 135 -11.88 -13.63 1.98
CA TYR A 135 -12.83 -14.49 2.67
C TYR A 135 -13.92 -14.97 1.70
N HIS A 136 -14.20 -16.26 1.71
CA HIS A 136 -15.28 -16.83 0.90
C HIS A 136 -16.40 -17.33 1.82
N VAL A 137 -17.59 -16.77 1.62
CA VAL A 137 -18.75 -16.98 2.50
C VAL A 137 -19.23 -18.43 2.47
N HIS A 138 -19.37 -18.99 1.26
CA HIS A 138 -19.93 -20.33 1.09
C HIS A 138 -19.08 -21.48 1.66
N SER A 139 -17.78 -21.26 1.81
CA SER A 139 -16.88 -22.26 2.41
C SER A 139 -16.32 -21.87 3.80
N ASP A 140 -16.62 -20.67 4.28
CA ASP A 140 -16.10 -20.16 5.55
C ASP A 140 -14.59 -20.31 5.61
N SER A 141 -13.94 -19.84 4.56
CA SER A 141 -12.50 -20.03 4.38
C SER A 141 -11.88 -18.87 3.63
N TYR A 142 -10.57 -18.75 3.77
CA TYR A 142 -9.79 -17.75 3.09
C TYR A 142 -9.06 -18.37 1.91
N GLU A 143 -9.04 -17.65 0.79
CA GLU A 143 -8.14 -17.96 -0.34
C GLU A 143 -7.05 -16.90 -0.38
N THR A 144 -5.80 -17.34 -0.47
CA THR A 144 -4.64 -16.44 -0.45
C THR A 144 -3.88 -16.50 -1.77
N GLU A 145 -3.40 -15.35 -2.23
CA GLU A 145 -2.49 -15.27 -3.38
C GLU A 145 -1.18 -14.66 -2.90
N ASN A 146 -0.07 -15.25 -3.34
CA ASN A 146 1.27 -14.84 -2.91
C ASN A 146 1.88 -13.85 -3.93
N GLN A 147 3.15 -13.48 -3.77
CA GLN A 147 3.77 -12.47 -4.66
C GLN A 147 3.83 -12.89 -6.13
N HIS A 148 3.88 -14.21 -6.39
CA HIS A 148 3.94 -14.73 -7.75
C HIS A 148 2.62 -14.53 -8.52
N TYR A 149 1.50 -14.39 -7.81
CA TYR A 149 0.22 -14.05 -8.45
C TYR A 149 0.33 -12.72 -9.18
N GLY A 150 0.64 -11.66 -8.45
CA GLY A 150 0.69 -10.32 -9.04
C GLY A 150 1.77 -10.19 -10.11
N ARG A 151 2.93 -10.83 -9.87
CA ARG A 151 4.04 -10.83 -10.84
C ARG A 151 3.71 -11.56 -12.16
N SER A 152 2.69 -12.42 -12.14
N SER A 152 2.69 -12.43 -12.14
CA SER A 152 2.21 -13.10 -13.34
CA SER A 152 2.21 -13.07 -13.37
C SER A 152 1.18 -12.31 -14.14
C SER A 152 1.29 -12.22 -14.22
N LEU A 153 0.74 -11.14 -13.65
CA LEU A 153 -0.31 -10.38 -14.35
C LEU A 153 0.28 -9.48 -15.41
N THR A 154 -0.40 -9.41 -16.54
CA THR A 154 -0.04 -8.57 -17.68
C THR A 154 -1.15 -7.55 -17.93
N LYS A 155 -0.95 -6.67 -18.91
CA LYS A 155 -1.99 -5.72 -19.33
C LYS A 155 -3.29 -6.43 -19.70
N GLU A 156 -3.19 -7.64 -20.26
CA GLU A 156 -4.36 -8.40 -20.68
C GLU A 156 -5.10 -9.01 -19.50
N THR A 157 -4.41 -9.27 -18.39
CA THR A 157 -5.02 -9.95 -17.24
C THR A 157 -5.09 -9.16 -15.93
N ILE A 158 -4.64 -7.91 -15.93
N ILE A 158 -4.60 -7.93 -15.88
CA ILE A 158 -4.61 -7.11 -14.71
CA ILE A 158 -4.63 -7.16 -14.62
C ILE A 158 -6.01 -6.79 -14.16
C ILE A 158 -6.05 -6.87 -14.14
N LYS A 159 -6.98 -6.58 -15.04
CA LYS A 159 -8.37 -6.28 -14.63
C LYS A 159 -9.02 -7.47 -13.90
N ASP A 160 -8.95 -8.65 -14.51
CA ASP A 160 -9.46 -9.86 -13.85
C ASP A 160 -8.63 -10.21 -12.60
N GLY A 161 -7.34 -9.89 -12.64
CA GLY A 161 -6.45 -10.15 -11.54
C GLY A 161 -6.80 -9.38 -10.29
N VAL A 162 -7.06 -8.09 -10.48
CA VAL A 162 -7.54 -7.21 -9.39
C VAL A 162 -8.97 -7.60 -8.98
N SER A 163 -9.84 -7.94 -9.92
N SER A 163 -9.83 -7.92 -9.94
CA SER A 163 -11.25 -8.24 -9.61
CA SER A 163 -11.22 -8.31 -9.69
C SER A 163 -11.44 -9.49 -8.73
C SER A 163 -11.36 -9.43 -8.68
N ARG A 164 -10.48 -10.43 -8.75
CA ARG A 164 -10.47 -11.57 -7.82
C ARG A 164 -10.59 -11.17 -6.34
N PHE A 165 -9.97 -10.06 -5.97
CA PHE A 165 -9.99 -9.55 -4.59
C PHE A 165 -11.40 -9.27 -4.09
N PHE A 166 -12.28 -8.86 -5.00
CA PHE A 166 -13.64 -8.43 -4.68
C PHE A 166 -14.72 -9.51 -4.91
N HIS A 167 -14.31 -10.77 -5.09
CA HIS A 167 -15.25 -11.88 -5.25
C HIS A 167 -15.51 -12.58 -3.91
N ASN A 168 -16.68 -12.25 -3.34
CA ASN A 168 -17.06 -12.53 -1.95
C ASN A 168 -18.57 -12.28 -1.80
N GLY A 169 -19.23 -13.08 -0.97
CA GLY A 169 -20.65 -12.89 -0.69
C GLY A 169 -21.53 -13.13 -1.91
N TYR A 170 -21.23 -14.20 -2.65
CA TYR A 170 -22.02 -14.66 -3.82
C TYR A 170 -22.14 -13.63 -4.96
N CYS A 171 -21.10 -12.80 -5.12
CA CYS A 171 -21.16 -11.68 -6.04
C CYS A 171 -19.80 -11.02 -6.19
N LEU A 172 -19.74 -10.12 -7.15
CA LEU A 172 -18.65 -9.13 -7.22
C LEU A 172 -19.02 -7.98 -6.29
N ARG A 173 -18.15 -7.67 -5.33
CA ARG A 173 -18.43 -6.64 -4.33
C ARG A 173 -18.18 -5.24 -4.91
N LYS A 174 -19.07 -4.80 -5.79
CA LYS A 174 -18.94 -3.47 -6.41
C LYS A 174 -19.03 -2.33 -5.38
N ASP A 175 -19.70 -2.54 -4.25
CA ASP A 175 -19.68 -1.58 -3.13
C ASP A 175 -18.25 -1.33 -2.61
N ALA A 176 -17.47 -2.40 -2.42
CA ALA A 176 -16.08 -2.30 -1.99
C ALA A 176 -15.19 -1.68 -3.08
N VAL A 177 -15.46 -2.02 -4.33
CA VAL A 177 -14.73 -1.43 -5.48
C VAL A 177 -14.93 0.11 -5.51
N ALA A 178 -16.19 0.53 -5.43
CA ALA A 178 -16.50 1.97 -5.48
C ALA A 178 -15.90 2.73 -4.29
N ALA A 179 -16.03 2.14 -3.10
CA ALA A 179 -15.47 2.74 -1.91
C ALA A 179 -13.94 2.85 -2.02
N SER A 180 -13.28 1.83 -2.58
CA SER A 180 -11.83 1.87 -2.80
C SER A 180 -11.40 3.00 -3.74
N ILE A 181 -12.15 3.21 -4.82
CA ILE A 181 -11.89 4.34 -5.72
C ILE A 181 -12.01 5.67 -4.95
N GLN A 182 -13.06 5.81 -4.16
CA GLN A 182 -13.31 7.05 -3.42
C GLN A 182 -12.21 7.36 -2.40
N LYS A 183 -11.69 6.32 -1.75
CA LYS A 183 -10.58 6.50 -0.81
C LYS A 183 -9.22 6.73 -1.47
N ILE A 184 -8.94 6.01 -2.57
CA ILE A 184 -7.70 6.23 -3.37
C ILE A 184 -7.67 7.64 -3.90
N GLU A 185 -8.82 8.16 -4.33
CA GLU A 185 -8.89 9.52 -4.87
C GLU A 185 -8.40 10.58 -3.87
N LYS A 186 -8.67 10.37 -2.58
CA LYS A 186 -8.21 11.31 -1.55
C LYS A 186 -6.68 11.26 -1.41
N ILE A 187 -6.12 10.05 -1.50
CA ILE A 187 -4.66 9.86 -1.50
C ILE A 187 -4.06 10.53 -2.76
N LEU A 188 -4.68 10.31 -3.92
N LEU A 188 -4.70 10.29 -3.91
CA LEU A 188 -4.23 10.94 -5.16
CA LEU A 188 -4.28 10.91 -5.18
C LEU A 188 -4.20 12.45 -5.03
C LEU A 188 -4.24 12.43 -5.06
N GLN A 189 -5.27 13.02 -4.48
CA GLN A 189 -5.33 14.47 -4.23
C GLN A 189 -4.20 14.97 -3.32
N TRP A 190 -3.86 14.21 -2.27
CA TRP A 190 -2.71 14.54 -1.44
C TRP A 190 -1.42 14.60 -2.27
N PHE A 191 -1.21 13.56 -3.08
CA PHE A 191 -0.02 13.51 -3.96
C PHE A 191 0.01 14.67 -4.98
N GLU A 192 -1.15 15.10 -5.46
CA GLU A 192 -1.15 16.24 -6.39
C GLU A 192 -0.93 17.61 -5.74
N ASN A 193 -1.00 17.66 -4.41
CA ASN A 193 -0.79 18.88 -3.64
C ASN A 193 0.46 18.84 -2.73
N GLN A 194 1.43 17.98 -3.06
CA GLN A 194 2.73 17.97 -2.36
C GLN A 194 3.90 17.71 -3.32
N LYS A 195 5.02 18.41 -3.07
CA LYS A 195 6.24 18.32 -3.87
C LYS A 195 7.46 18.10 -3.00
N GLN A 196 7.29 17.35 -1.91
CA GLN A 196 8.36 17.22 -0.94
C GLN A 196 8.83 15.81 -0.64
N LEU A 197 8.03 14.80 -1.00
CA LEU A 197 8.38 13.41 -0.83
C LEU A 197 8.10 12.62 -2.10
N ASN A 198 9.03 11.74 -2.45
CA ASN A 198 8.81 10.75 -3.51
C ASN A 198 8.92 9.35 -2.87
N PHE A 199 8.02 8.46 -3.27
CA PHE A 199 7.80 7.17 -2.63
C PHE A 199 8.11 6.04 -3.61
N TYR A 200 9.10 5.22 -3.29
CA TYR A 200 9.47 4.06 -4.13
C TYR A 200 9.26 2.78 -3.36
N ALA A 201 8.76 1.76 -4.05
CA ALA A 201 8.43 0.47 -3.44
C ALA A 201 7.49 0.54 -2.23
N SER A 202 6.63 1.54 -2.17
N SER A 202 6.63 1.55 -2.21
CA SER A 202 5.63 1.65 -1.12
CA SER A 202 5.62 1.72 -1.18
C SER A 202 4.31 1.14 -1.67
C SER A 202 4.32 1.10 -1.68
N SER A 203 3.41 0.81 -0.75
CA SER A 203 2.16 0.10 -1.05
C SER A 203 0.91 0.75 -0.51
N LEU A 204 -0.21 0.32 -1.09
CA LEU A 204 -1.52 0.59 -0.56
C LEU A 204 -2.09 -0.72 -0.02
N LEU A 205 -2.63 -0.66 1.19
CA LEU A 205 -3.28 -1.80 1.81
C LEU A 205 -4.79 -1.55 1.74
N PHE A 206 -5.49 -2.47 1.10
CA PHE A 206 -6.96 -2.40 0.94
C PHE A 206 -7.57 -3.40 1.88
N VAL A 207 -8.58 -2.97 2.63
CA VAL A 207 -9.31 -3.88 3.51
C VAL A 207 -10.81 -3.65 3.33
N TYR A 208 -11.57 -4.72 3.16
CA TYR A 208 -13.03 -4.65 3.27
C TYR A 208 -13.57 -5.81 4.09
N GLU A 209 -14.84 -5.70 4.46
CA GLU A 209 -15.50 -6.67 5.35
C GLU A 209 -16.08 -7.80 4.51
N GLY A 210 -15.55 -9.00 4.71
CA GLY A 210 -15.98 -10.19 3.98
C GLY A 210 -17.16 -10.94 4.60
N SER A 211 -17.47 -10.70 5.88
CA SER A 211 -18.53 -11.49 6.55
C SER A 211 -19.93 -11.16 6.01
N SER A 216 -21.48 -3.51 2.03
CA SER A 216 -21.87 -2.43 2.94
C SER A 216 -21.25 -1.03 2.65
N GLY A 217 -20.35 -0.92 1.68
CA GLY A 217 -19.76 0.38 1.32
C GLY A 217 -18.42 0.77 1.94
N GLY A 218 -17.94 0.07 2.96
CA GLY A 218 -18.71 -0.34 4.09
C GLY A 218 -17.77 0.05 5.17
N GLU A 219 -17.34 -0.96 5.90
CA GLU A 219 -16.06 -0.88 6.51
C GLU A 219 -15.19 -1.12 5.24
N VAL A 220 -14.53 -0.07 4.75
CA VAL A 220 -13.44 -0.20 3.75
C VAL A 220 -12.33 0.72 4.20
N GLU A 221 -11.12 0.19 4.24
CA GLU A 221 -9.94 0.94 4.64
C GLU A 221 -8.91 0.89 3.53
N VAL A 222 -8.30 2.02 3.24
CA VAL A 222 -7.15 2.06 2.33
C VAL A 222 -6.08 2.89 3.03
N ARG A 223 -4.93 2.27 3.25
CA ARG A 223 -3.79 2.94 3.90
C ARG A 223 -2.50 2.76 3.14
N MET A 224 -1.67 3.79 3.19
CA MET A 224 -0.31 3.73 2.68
C MET A 224 0.58 3.03 3.69
N ILE A 225 1.45 2.12 3.22
CA ILE A 225 2.44 1.41 4.03
C ILE A 225 3.76 1.27 3.28
N ASP A 226 4.80 0.88 4.03
CA ASP A 226 6.11 0.42 3.52
C ASP A 226 6.95 1.61 3.03
N PHE A 227 7.72 2.19 3.94
CA PHE A 227 8.37 3.48 3.71
C PHE A 227 9.90 3.42 3.83
N ALA A 228 10.51 2.31 3.46
CA ALA A 228 11.96 2.18 3.48
C ALA A 228 12.64 2.92 2.32
N HIS A 229 11.87 3.36 1.31
CA HIS A 229 12.43 4.08 0.16
C HIS A 229 11.67 5.36 -0.16
N VAL A 230 11.44 6.18 0.85
CA VAL A 230 10.81 7.48 0.69
C VAL A 230 11.90 8.52 0.83
N PHE A 231 11.99 9.41 -0.15
CA PHE A 231 13.09 10.36 -0.20
C PHE A 231 12.58 11.78 -0.33
N PRO A 232 13.33 12.75 0.22
CA PRO A 232 12.99 14.16 -0.04
C PRO A 232 13.07 14.45 -1.53
N SER A 233 12.22 15.36 -2.01
N SER A 233 12.24 15.38 -2.01
CA SER A 233 12.13 15.68 -3.44
CA SER A 233 12.18 15.69 -3.44
C SER A 233 11.75 17.13 -3.64
C SER A 233 11.75 17.13 -3.64
N ASN A 234 11.87 17.57 -4.89
CA ASN A 234 11.46 18.92 -5.31
C ASN A 234 10.36 18.85 -6.38
N THR A 235 9.88 17.64 -6.70
CA THR A 235 8.95 17.39 -7.79
C THR A 235 7.73 16.60 -7.29
N ILE A 236 6.67 16.63 -8.09
CA ILE A 236 5.52 15.75 -7.95
C ILE A 236 6.03 14.33 -8.11
N ASP A 237 5.54 13.41 -7.29
CA ASP A 237 5.86 11.99 -7.45
C ASP A 237 5.08 11.41 -8.64
N GLU A 238 5.63 11.59 -9.83
CA GLU A 238 4.93 11.29 -11.09
C GLU A 238 4.64 9.83 -11.29
N GLY A 239 5.60 8.98 -10.90
CA GLY A 239 5.42 7.54 -10.99
C GLY A 239 4.31 7.04 -10.09
N TYR A 240 4.21 7.60 -8.88
CA TYR A 240 3.18 7.22 -7.93
C TYR A 240 1.82 7.67 -8.45
N VAL A 241 1.75 8.91 -8.96
CA VAL A 241 0.52 9.44 -9.56
C VAL A 241 0.04 8.57 -10.72
N TYR A 242 0.94 8.23 -11.63
N TYR A 242 0.93 8.22 -11.65
CA TYR A 242 0.67 7.33 -12.77
CA TYR A 242 0.57 7.32 -12.76
C TYR A 242 0.06 6.00 -12.32
C TYR A 242 -0.02 6.02 -12.25
N GLY A 243 0.66 5.41 -11.28
CA GLY A 243 0.18 4.16 -10.69
C GLY A 243 -1.21 4.25 -10.07
N LEU A 244 -1.44 5.29 -9.28
CA LEU A 244 -2.75 5.51 -8.68
C LEU A 244 -3.82 5.71 -9.73
N LYS A 245 -3.50 6.52 -10.73
CA LYS A 245 -4.46 6.81 -11.81
C LYS A 245 -4.82 5.55 -12.56
N HIS A 246 -3.81 4.72 -12.86
CA HIS A 246 -4.07 3.47 -13.56
C HIS A 246 -4.86 2.51 -12.68
N LEU A 247 -4.52 2.43 -11.39
CA LEU A 247 -5.27 1.56 -10.49
C LEU A 247 -6.75 2.00 -10.40
N ILE A 248 -6.98 3.30 -10.27
CA ILE A 248 -8.33 3.88 -10.31
C ILE A 248 -9.07 3.50 -11.60
N SER A 249 -8.39 3.65 -12.75
N SER A 249 -8.40 3.63 -12.74
CA SER A 249 -8.96 3.27 -14.05
CA SER A 249 -9.01 3.28 -14.03
C SER A 249 -9.40 1.81 -14.10
C SER A 249 -9.40 1.79 -14.11
N VAL A 250 -8.54 0.92 -13.59
CA VAL A 250 -8.84 -0.53 -13.54
C VAL A 250 -10.07 -0.80 -12.64
N LEU A 251 -10.06 -0.27 -11.42
CA LEU A 251 -11.20 -0.42 -10.52
C LEU A 251 -12.50 0.14 -11.14
N ARG A 252 -12.38 1.29 -11.82
CA ARG A 252 -13.53 1.90 -12.49
C ARG A 252 -14.13 0.99 -13.55
N SER A 253 -13.27 0.34 -14.35
N SER A 253 -13.27 0.35 -14.35
CA SER A 253 -13.74 -0.60 -15.38
CA SER A 253 -13.70 -0.59 -15.37
C SER A 253 -14.44 -1.80 -14.75
C SER A 253 -14.40 -1.80 -14.77
N ILE A 254 -13.98 -2.22 -13.57
CA ILE A 254 -14.63 -3.32 -12.83
C ILE A 254 -16.08 -2.97 -12.42
N LEU A 255 -16.35 -1.70 -12.16
CA LEU A 255 -17.74 -1.28 -11.92
C LEU A 255 -18.71 -1.53 -13.09
N ASP A 256 -18.19 -1.69 -14.31
CA ASP A 256 -18.99 -2.01 -15.50
C ASP A 256 -19.20 -3.51 -15.75
N ASN A 257 -18.64 -4.39 -14.92
CA ASN A 257 -18.76 -5.85 -15.11
C ASN A 257 -20.20 -6.36 -15.12
#